data_3SOP
#
_entry.id   3SOP
#
_cell.length_a   52.244
_cell.length_b   150.414
_cell.length_c   157.997
_cell.angle_alpha   90.00
_cell.angle_beta   90.00
_cell.angle_gamma   90.00
#
_symmetry.space_group_name_H-M   'C 2 2 21'
#
loop_
_entity.id
_entity.type
_entity.pdbx_description
1 polymer 'Neuronal-specific septin-3'
2 non-polymer 'MAGNESIUM ION'
3 non-polymer "GUANOSINE-5'-DIPHOSPHATE"
4 water water
#
_entity_poly.entity_id   1
_entity_poly.type   'polypeptide(L)'
_entity_poly.pdbx_seq_one_letter_code
;FDFNIMVVGQSGLGKSTLVNTLFKSQVSRKASSWNREEKIPKTVEIKAIGHVIEEGGVKMKLTVIDTPGFGDQINNENCW
EPIEKYINEQYEKFLKEEVNIARKKRIPDTRVHCCLYFISPTGHSLRPLDLEFMKHLSKVVNIIPVIAKADTMTLEEKSE
FKQRVRKELEVNGIEFYPQKEFDEDLEDKTENDKIRQESMPFAVVGSDKEYQVNGKRVLGRKTPWGIIEVENLNHCEFAL
LRDFVIRTHLQDLKEVTHNIHYETYRAKRL
;
_entity_poly.pdbx_strand_id   A,B
#
loop_
_chem_comp.id
_chem_comp.type
_chem_comp.name
_chem_comp.formula
GDP RNA linking GUANOSINE-5'-DIPHOSPHATE 'C10 H15 N5 O11 P2'
MG non-polymer 'MAGNESIUM ION' 'Mg 2'
#
# COMPACT_ATOMS: atom_id res chain seq x y z
N PHE A 1 -4.80 34.95 -13.86
CA PHE A 1 -3.89 33.82 -13.81
C PHE A 1 -4.38 32.76 -12.83
N ASP A 2 -4.85 31.64 -13.37
CA ASP A 2 -5.36 30.55 -12.53
C ASP A 2 -4.78 29.21 -12.97
N PHE A 3 -4.35 28.42 -11.99
CA PHE A 3 -3.77 27.12 -12.26
C PHE A 3 -4.40 26.08 -11.35
N ASN A 4 -4.85 24.97 -11.93
CA ASN A 4 -5.52 23.91 -11.17
C ASN A 4 -4.78 22.59 -11.21
N ILE A 5 -4.46 22.07 -10.04
CA ILE A 5 -3.83 20.76 -9.92
C ILE A 5 -4.76 19.78 -9.20
N MET A 6 -4.72 18.52 -9.60
CA MET A 6 -5.56 17.49 -9.00
C MET A 6 -4.74 16.26 -8.62
N VAL A 7 -4.92 15.77 -7.39
CA VAL A 7 -4.25 14.55 -6.94
C VAL A 7 -5.17 13.34 -6.98
N VAL A 8 -4.73 12.31 -7.68
CA VAL A 8 -5.55 11.12 -7.88
C VAL A 8 -4.78 9.88 -7.46
N GLY A 9 -5.49 8.83 -7.08
CA GLY A 9 -4.85 7.57 -6.77
C GLY A 9 -5.45 6.81 -5.60
N GLN A 10 -4.79 5.73 -5.23
CA GLN A 10 -5.23 4.89 -4.14
C GLN A 10 -5.34 5.68 -2.85
N SER A 11 -6.10 5.16 -1.90
CA SER A 11 -6.25 5.81 -0.61
C SER A 11 -5.11 5.43 0.33
N GLY A 12 -4.70 6.37 1.16
CA GLY A 12 -3.61 6.16 2.08
C GLY A 12 -2.25 6.20 1.39
N LEU A 13 -2.04 7.21 0.56
CA LEU A 13 -0.77 7.36 -0.14
C LEU A 13 -0.13 8.71 0.12
N GLY A 14 -0.76 9.49 0.99
CA GLY A 14 -0.28 10.81 1.31
C GLY A 14 -0.65 11.85 0.27
N LYS A 15 -1.73 11.59 -0.46
CA LYS A 15 -2.23 12.52 -1.46
C LYS A 15 -2.70 13.82 -0.80
N SER A 16 -3.49 13.67 0.27
CA SER A 16 -4.01 14.83 0.99
C SER A 16 -2.90 15.61 1.67
N THR A 17 -1.93 14.88 2.24
CA THR A 17 -0.80 15.50 2.92
C THR A 17 0.01 16.34 1.93
N LEU A 18 0.31 15.76 0.78
CA LEU A 18 1.05 16.45 -0.27
C LEU A 18 0.42 17.78 -0.65
N VAL A 19 -0.90 17.78 -0.82
CA VAL A 19 -1.62 19.00 -1.14
C VAL A 19 -1.24 20.12 -0.18
N ASN A 20 -1.25 19.84 1.11
CA ASN A 20 -0.94 20.85 2.12
C ASN A 20 0.55 21.21 2.14
N THR A 21 1.40 20.21 1.94
CA THR A 21 2.84 20.45 1.88
C THR A 21 3.14 21.32 0.67
N LEU A 22 2.44 21.07 -0.43
CA LEU A 22 2.57 21.86 -1.63
C LEU A 22 2.22 23.33 -1.36
N PHE A 23 1.09 23.54 -0.69
CA PHE A 23 0.65 24.88 -0.36
C PHE A 23 1.60 25.59 0.61
N LYS A 24 2.14 24.86 1.57
CA LYS A 24 3.08 25.45 2.52
C LYS A 24 4.42 25.77 1.86
N SER A 25 4.72 25.11 0.75
CA SER A 25 6.00 25.31 0.09
C SER A 25 6.05 26.64 -0.66
N GLN A 26 5.04 26.88 -1.50
CA GLN A 26 4.93 28.15 -2.22
C GLN A 26 4.70 29.30 -1.26
N VAL A 27 3.89 29.05 -0.23
CA VAL A 27 3.64 30.05 0.81
C VAL A 27 4.74 29.99 1.87
N ILE A 40 -5.36 15.81 9.44
CA ILE A 40 -5.47 15.35 8.06
C ILE A 40 -6.36 14.12 7.96
N PRO A 41 -7.67 14.33 8.06
CA PRO A 41 -8.62 13.22 7.99
C PRO A 41 -8.67 12.59 6.60
N LYS A 42 -9.66 11.73 6.37
CA LYS A 42 -9.81 11.05 5.07
C LYS A 42 -10.75 11.68 4.07
N THR A 43 -10.22 12.05 2.91
CA THR A 43 -11.02 12.65 1.86
C THR A 43 -12.21 11.76 1.49
N VAL A 44 -13.41 12.32 1.55
CA VAL A 44 -14.63 11.59 1.22
C VAL A 44 -15.26 12.11 -0.07
N GLU A 45 -15.16 13.42 -0.28
CA GLU A 45 -15.70 14.05 -1.48
C GLU A 45 -14.61 14.80 -2.23
N ILE A 46 -14.89 15.16 -3.47
CA ILE A 46 -13.93 15.88 -4.29
C ILE A 46 -13.98 17.37 -3.99
N LYS A 47 -13.19 17.80 -3.01
CA LYS A 47 -13.15 19.21 -2.63
C LYS A 47 -11.83 19.85 -3.06
N ALA A 48 -11.93 21.00 -3.72
CA ALA A 48 -10.75 21.70 -4.23
C ALA A 48 -10.51 23.02 -3.49
N ILE A 49 -9.39 23.09 -2.78
CA ILE A 49 -9.02 24.30 -2.07
C ILE A 49 -8.04 25.14 -2.88
N GLY A 50 -8.32 26.43 -2.99
CA GLY A 50 -7.46 27.34 -3.72
C GLY A 50 -6.90 28.44 -2.83
N HIS A 51 -5.59 28.68 -2.94
CA HIS A 51 -4.95 29.76 -2.21
C HIS A 51 -4.63 30.93 -3.13
N VAL A 52 -5.30 32.05 -2.89
CA VAL A 52 -5.13 33.26 -3.69
C VAL A 52 -3.78 33.95 -3.44
N ILE A 53 -2.70 33.21 -3.56
CA ILE A 53 -1.36 33.76 -3.40
C ILE A 53 -0.37 32.96 -4.21
N GLU A 54 0.78 33.55 -4.51
CA GLU A 54 1.81 32.86 -5.29
C GLU A 54 2.19 31.54 -4.66
N LYS A 59 -0.88 37.65 -7.81
CA LYS A 59 -0.32 37.15 -9.06
C LYS A 59 -1.06 35.92 -9.55
N MET A 60 -0.86 34.79 -8.86
CA MET A 60 -1.47 33.52 -9.25
C MET A 60 -2.44 32.98 -8.20
N LYS A 61 -3.48 32.27 -8.66
CA LYS A 61 -4.39 31.57 -7.77
C LYS A 61 -4.32 30.07 -8.03
N LEU A 62 -3.61 29.35 -7.16
CA LEU A 62 -3.40 27.93 -7.31
C LEU A 62 -4.39 27.13 -6.47
N THR A 63 -5.30 26.44 -7.13
CA THR A 63 -6.28 25.62 -6.44
C THR A 63 -5.99 24.13 -6.69
N VAL A 64 -5.78 23.40 -5.61
CA VAL A 64 -5.49 21.98 -5.70
C VAL A 64 -6.74 21.17 -5.38
N ILE A 65 -6.99 20.15 -6.19
CA ILE A 65 -8.18 19.32 -6.03
C ILE A 65 -7.85 17.97 -5.40
N ASP A 66 -8.44 17.72 -4.23
CA ASP A 66 -8.24 16.47 -3.52
C ASP A 66 -9.23 15.42 -3.99
N THR A 67 -8.97 14.16 -3.65
CA THR A 67 -9.84 13.06 -4.05
C THR A 67 -9.59 11.79 -3.21
N PRO A 68 -10.61 10.95 -3.05
CA PRO A 68 -10.50 9.66 -2.37
C PRO A 68 -10.61 8.49 -3.36
N GLY A 69 -10.25 7.29 -2.92
CA GLY A 69 -10.38 6.10 -3.74
C GLY A 69 -9.39 6.03 -4.88
N ASP A 72 -9.49 0.24 -4.19
CA ASP A 72 -9.86 0.76 -2.89
C ASP A 72 -11.25 0.34 -2.47
N GLN A 73 -11.70 -0.79 -3.02
CA GLN A 73 -13.01 -1.33 -2.68
C GLN A 73 -13.14 -2.74 -3.22
N ILE A 74 -14.02 -3.53 -2.63
CA ILE A 74 -14.17 -4.92 -3.02
C ILE A 74 -14.44 -5.00 -4.52
N ASN A 75 -15.23 -4.06 -5.03
CA ASN A 75 -15.46 -3.97 -6.46
C ASN A 75 -15.14 -2.58 -6.98
N ASN A 76 -14.17 -2.52 -7.90
CA ASN A 76 -13.73 -1.25 -8.46
C ASN A 76 -13.95 -1.18 -9.96
N GLU A 77 -15.20 -1.34 -10.37
CA GLU A 77 -15.56 -1.26 -11.78
C GLU A 77 -15.99 0.16 -12.12
N ASN A 78 -15.30 0.76 -13.09
CA ASN A 78 -15.58 2.13 -13.49
C ASN A 78 -15.45 3.11 -12.33
N CYS A 79 -14.38 2.97 -11.57
CA CYS A 79 -14.13 3.84 -10.43
C CYS A 79 -13.56 5.19 -10.87
N TRP A 80 -13.24 5.29 -12.16
CA TRP A 80 -12.67 6.52 -12.72
C TRP A 80 -13.74 7.50 -13.16
N GLU A 81 -14.90 6.96 -13.55
CA GLU A 81 -16.01 7.77 -14.04
C GLU A 81 -16.30 9.02 -13.19
N PRO A 82 -16.34 8.86 -11.85
CA PRO A 82 -16.60 10.03 -11.01
C PRO A 82 -15.63 11.18 -11.29
N ILE A 83 -14.35 10.86 -11.46
CA ILE A 83 -13.33 11.86 -11.75
C ILE A 83 -13.48 12.38 -13.19
N GLU A 84 -13.72 11.46 -14.11
CA GLU A 84 -13.93 11.82 -15.51
C GLU A 84 -15.14 12.76 -15.65
N LYS A 85 -16.17 12.51 -14.86
CA LYS A 85 -17.36 13.35 -14.85
C LYS A 85 -17.02 14.74 -14.37
N TYR A 86 -16.16 14.82 -13.36
CA TYR A 86 -15.74 16.11 -12.83
C TYR A 86 -14.95 16.90 -13.86
N ILE A 87 -13.91 16.29 -14.41
CA ILE A 87 -13.10 16.93 -15.42
C ILE A 87 -13.97 17.42 -16.58
N ASN A 88 -14.76 16.52 -17.14
CA ASN A 88 -15.68 16.89 -18.21
C ASN A 88 -16.66 17.97 -17.76
N GLU A 89 -16.95 18.01 -16.47
CA GLU A 89 -17.83 19.03 -15.91
C GLU A 89 -17.17 20.40 -15.96
N GLN A 90 -15.85 20.42 -15.74
CA GLN A 90 -15.08 21.66 -15.75
C GLN A 90 -14.92 22.22 -17.16
N TYR A 91 -14.84 21.32 -18.13
CA TYR A 91 -14.73 21.71 -19.53
C TYR A 91 -16.02 22.35 -20.02
N GLU A 92 -17.14 21.64 -19.82
CA GLU A 92 -18.44 22.15 -20.23
C GLU A 92 -18.68 23.53 -19.66
N LYS A 93 -18.22 23.73 -18.42
CA LYS A 93 -18.37 25.00 -17.75
C LYS A 93 -17.58 26.09 -18.46
N PHE A 94 -16.37 25.75 -18.88
CA PHE A 94 -15.49 26.70 -19.55
C PHE A 94 -15.99 26.99 -20.96
N LEU A 95 -16.63 25.99 -21.58
CA LEU A 95 -17.22 26.19 -22.90
C LEU A 95 -18.40 27.13 -22.81
N LYS A 96 -19.17 27.03 -21.73
CA LYS A 96 -20.29 27.94 -21.50
C LYS A 96 -19.78 29.32 -21.12
N GLU A 97 -18.66 29.36 -20.40
CA GLU A 97 -18.10 30.63 -19.94
C GLU A 97 -17.04 31.18 -20.89
N GLU A 98 -16.74 30.43 -21.95
CA GLU A 98 -15.74 30.87 -22.92
C GLU A 98 -16.27 32.06 -23.72
N VAL A 99 -17.57 32.04 -24.00
CA VAL A 99 -18.22 33.18 -24.63
C VAL A 99 -18.43 34.26 -23.59
N ASN A 100 -17.79 35.40 -23.82
CA ASN A 100 -17.75 36.48 -22.85
C ASN A 100 -19.04 37.29 -22.80
N ILE A 101 -20.15 36.64 -22.42
CA ILE A 101 -21.42 37.32 -22.34
C ILE A 101 -21.39 38.47 -21.34
N ALA A 102 -20.77 38.23 -20.20
CA ALA A 102 -20.59 39.28 -19.19
C ALA A 102 -19.53 40.28 -19.66
N ARG A 103 -18.89 39.96 -20.78
CA ARG A 103 -17.81 40.77 -21.34
C ARG A 103 -16.72 41.10 -20.31
N LYS A 104 -16.13 40.06 -19.73
CA LYS A 104 -15.06 40.23 -18.75
C LYS A 104 -13.70 40.12 -19.41
N LYS A 105 -12.78 41.01 -19.05
CA LYS A 105 -11.44 41.02 -19.63
C LYS A 105 -10.76 39.66 -19.52
N ARG A 106 -10.91 39.01 -18.37
CA ARG A 106 -10.35 37.67 -18.17
C ARG A 106 -11.44 36.64 -17.86
N ILE A 107 -11.29 35.46 -18.44
CA ILE A 107 -12.25 34.38 -18.25
C ILE A 107 -11.78 33.38 -17.22
N PRO A 108 -12.56 33.17 -16.16
CA PRO A 108 -12.23 32.20 -15.10
C PRO A 108 -12.10 30.79 -15.65
N ASP A 109 -11.03 30.10 -15.25
CA ASP A 109 -10.74 28.77 -15.76
C ASP A 109 -10.58 27.76 -14.63
N THR A 110 -11.55 26.86 -14.51
CA THR A 110 -11.53 25.85 -13.45
C THR A 110 -11.23 24.45 -13.97
N ARG A 111 -10.74 24.38 -15.20
CA ARG A 111 -10.38 23.11 -15.82
C ARG A 111 -9.10 22.55 -15.22
N VAL A 112 -9.03 21.22 -15.13
CA VAL A 112 -7.87 20.57 -14.54
C VAL A 112 -6.72 20.58 -15.52
N HIS A 113 -5.69 21.38 -15.22
CA HIS A 113 -4.54 21.51 -16.10
C HIS A 113 -3.61 20.32 -15.94
N CYS A 114 -3.16 20.12 -14.71
CA CYS A 114 -2.25 19.03 -14.39
C CYS A 114 -2.85 18.10 -13.33
N CYS A 115 -2.74 16.80 -13.58
CA CYS A 115 -3.26 15.80 -12.65
C CYS A 115 -2.19 14.78 -12.27
N LEU A 116 -1.98 14.62 -10.97
CA LEU A 116 -0.95 13.71 -10.46
C LEU A 116 -1.54 12.38 -10.01
N TYR A 117 -1.08 11.29 -10.61
CA TYR A 117 -1.54 9.96 -10.22
C TYR A 117 -0.56 9.28 -9.27
N PHE A 118 -0.98 9.08 -8.04
CA PHE A 118 -0.14 8.46 -7.02
C PHE A 118 -0.04 6.94 -7.16
N ILE A 119 1.20 6.47 -7.28
CA ILE A 119 1.46 5.04 -7.44
C ILE A 119 2.04 4.46 -6.17
N SER A 120 1.36 3.45 -5.63
CA SER A 120 1.87 2.73 -4.46
C SER A 120 3.21 2.08 -4.80
N PRO A 121 4.22 2.30 -3.96
CA PRO A 121 5.54 1.71 -4.20
C PRO A 121 5.57 0.24 -3.80
N THR A 122 4.87 -0.58 -4.57
CA THR A 122 4.75 -2.01 -4.27
C THR A 122 6.04 -2.74 -4.60
N GLY A 123 6.89 -2.13 -5.41
CA GLY A 123 8.13 -2.76 -5.82
C GLY A 123 7.90 -3.81 -6.89
N HIS A 124 6.64 -3.97 -7.29
CA HIS A 124 6.29 -4.93 -8.33
C HIS A 124 5.69 -4.21 -9.53
N SER A 125 5.18 -4.98 -10.49
CA SER A 125 4.56 -4.40 -11.68
C SER A 125 3.31 -3.64 -11.25
N LEU A 126 2.97 -2.60 -12.00
CA LEU A 126 1.82 -1.77 -11.65
C LEU A 126 0.52 -2.56 -11.65
N ARG A 127 -0.30 -2.34 -10.63
CA ARG A 127 -1.60 -3.00 -10.54
C ARG A 127 -2.37 -2.73 -11.82
N PRO A 128 -3.17 -3.71 -12.26
CA PRO A 128 -4.00 -3.52 -13.45
C PRO A 128 -4.90 -2.29 -13.32
N LEU A 129 -5.43 -2.05 -12.13
CA LEU A 129 -6.33 -0.93 -11.89
C LEU A 129 -5.64 0.41 -12.10
N ASP A 130 -4.41 0.54 -11.59
CA ASP A 130 -3.63 1.74 -11.80
C ASP A 130 -3.46 2.03 -13.28
N LEU A 131 -3.08 1.02 -14.05
CA LEU A 131 -2.85 1.20 -15.48
C LEU A 131 -4.09 1.67 -16.23
N GLU A 132 -5.20 0.96 -16.08
CA GLU A 132 -6.43 1.34 -16.76
C GLU A 132 -6.88 2.74 -16.35
N PHE A 133 -6.81 3.03 -15.06
CA PHE A 133 -7.19 4.33 -14.54
C PHE A 133 -6.38 5.44 -15.21
N MET A 134 -5.08 5.23 -15.35
CA MET A 134 -4.22 6.22 -16.00
C MET A 134 -4.51 6.32 -17.49
N LYS A 135 -4.90 5.19 -18.09
CA LYS A 135 -5.17 5.17 -19.52
C LYS A 135 -6.37 6.04 -19.87
N HIS A 136 -7.44 5.93 -19.08
CA HIS A 136 -8.64 6.73 -19.29
C HIS A 136 -8.37 8.22 -19.12
N LEU A 137 -7.69 8.57 -18.04
CA LEU A 137 -7.41 9.98 -17.75
C LEU A 137 -6.43 10.60 -18.74
N SER A 138 -5.46 9.82 -19.19
CA SER A 138 -4.44 10.34 -20.10
C SER A 138 -5.08 10.90 -21.37
N LYS A 139 -6.26 10.41 -21.70
CA LYS A 139 -6.97 10.82 -22.91
C LYS A 139 -7.77 12.11 -22.70
N VAL A 140 -7.86 12.54 -21.45
CA VAL A 140 -8.76 13.63 -21.08
C VAL A 140 -8.06 14.68 -20.21
N VAL A 141 -6.84 14.38 -19.76
CA VAL A 141 -6.13 15.30 -18.88
C VAL A 141 -4.63 15.02 -18.87
N ASN A 142 -3.85 16.03 -18.50
CA ASN A 142 -2.40 15.88 -18.36
C ASN A 142 -2.07 15.12 -17.08
N ILE A 143 -1.57 13.89 -17.22
CA ILE A 143 -1.23 13.06 -16.07
C ILE A 143 0.27 13.03 -15.83
N ILE A 144 0.66 13.31 -14.59
CA ILE A 144 2.06 13.19 -14.19
C ILE A 144 2.19 12.11 -13.12
N PRO A 145 2.81 10.96 -13.48
CA PRO A 145 3.03 9.84 -12.57
C PRO A 145 3.88 10.23 -11.38
N VAL A 146 3.51 9.76 -10.19
CA VAL A 146 4.24 10.03 -8.97
C VAL A 146 4.29 8.79 -8.10
N ILE A 147 5.43 8.58 -7.43
CA ILE A 147 5.57 7.48 -6.49
C ILE A 147 5.36 7.99 -5.06
N ALA A 148 4.34 7.48 -4.40
CA ALA A 148 4.01 7.93 -3.05
C ALA A 148 4.97 7.37 -1.99
N LYS A 149 5.06 8.05 -0.86
CA LYS A 149 5.88 7.60 0.26
C LYS A 149 7.22 7.05 -0.21
N ALA A 150 7.92 7.81 -1.04
CA ALA A 150 9.21 7.39 -1.57
C ALA A 150 10.16 6.99 -0.45
N ASP A 151 9.98 7.59 0.71
CA ASP A 151 10.85 7.34 1.85
C ASP A 151 10.89 5.86 2.23
N THR A 152 9.85 5.12 1.86
CA THR A 152 9.77 3.71 2.18
C THR A 152 10.86 2.91 1.47
N MET A 153 11.13 3.27 0.22
CA MET A 153 12.01 2.47 -0.64
C MET A 153 13.48 2.75 -0.38
N THR A 154 14.31 1.75 -0.65
CA THR A 154 15.75 1.92 -0.60
C THR A 154 16.23 2.56 -1.90
N LEU A 155 17.52 2.87 -1.97
CA LEU A 155 18.09 3.52 -3.14
C LEU A 155 17.97 2.62 -4.38
N GLU A 156 18.56 1.44 -4.31
CA GLU A 156 18.50 0.50 -5.41
C GLU A 156 17.07 0.16 -5.79
N GLU A 157 16.19 0.10 -4.78
CA GLU A 157 14.79 -0.23 -5.01
C GLU A 157 14.10 0.86 -5.83
N LYS A 158 14.23 2.10 -5.37
CA LYS A 158 13.57 3.22 -6.04
C LYS A 158 14.03 3.39 -7.49
N SER A 159 15.33 3.28 -7.71
CA SER A 159 15.88 3.40 -9.06
C SER A 159 15.19 2.40 -9.98
N GLU A 160 15.14 1.15 -9.53
CA GLU A 160 14.60 0.07 -10.34
C GLU A 160 13.09 0.23 -10.53
N PHE A 161 12.41 0.77 -9.52
CA PHE A 161 10.96 0.91 -9.56
C PHE A 161 10.53 1.95 -10.58
N LYS A 162 11.28 3.05 -10.63
CA LYS A 162 11.04 4.08 -11.62
C LYS A 162 11.23 3.52 -13.03
N GLN A 163 12.31 2.78 -13.23
CA GLN A 163 12.57 2.18 -14.53
C GLN A 163 11.42 1.24 -14.90
N ARG A 164 10.92 0.50 -13.91
CA ARG A 164 9.81 -0.42 -14.13
C ARG A 164 8.54 0.34 -14.52
N VAL A 165 8.33 1.48 -13.86
CA VAL A 165 7.19 2.33 -14.13
C VAL A 165 7.24 2.90 -15.55
N ARG A 166 8.36 3.53 -15.89
CA ARG A 166 8.54 4.09 -17.21
C ARG A 166 8.32 3.02 -18.28
N LYS A 167 8.86 1.83 -18.04
CA LYS A 167 8.68 0.73 -18.99
C LYS A 167 7.21 0.33 -19.14
N GLU A 168 6.56 0.01 -18.03
CA GLU A 168 5.16 -0.41 -18.06
C GLU A 168 4.26 0.64 -18.71
N LEU A 169 4.52 1.91 -18.42
CA LEU A 169 3.73 2.99 -19.00
C LEU A 169 3.88 3.08 -20.52
N GLU A 170 5.13 3.17 -20.99
CA GLU A 170 5.41 3.24 -22.41
C GLU A 170 4.85 2.03 -23.16
N VAL A 171 5.01 0.85 -22.56
CA VAL A 171 4.54 -0.39 -23.16
C VAL A 171 3.02 -0.45 -23.26
N ASN A 172 2.34 0.25 -22.34
CA ASN A 172 0.88 0.24 -22.33
C ASN A 172 0.25 1.36 -23.15
N GLY A 173 1.08 2.13 -23.83
CA GLY A 173 0.61 3.23 -24.65
C GLY A 173 -0.11 4.29 -23.85
N ILE A 174 0.51 4.73 -22.76
CA ILE A 174 -0.05 5.79 -21.94
C ILE A 174 0.70 7.11 -22.13
N GLU A 175 0.09 8.02 -22.89
CA GLU A 175 0.70 9.31 -23.15
C GLU A 175 0.53 10.24 -21.96
N PHE A 176 1.64 10.52 -21.27
CA PHE A 176 1.61 11.38 -20.09
C PHE A 176 2.50 12.60 -20.31
N TYR A 177 2.18 13.69 -19.63
CA TYR A 177 2.96 14.91 -19.73
C TYR A 177 4.34 14.69 -19.14
N PRO A 178 5.39 15.14 -19.85
CA PRO A 178 5.24 15.82 -21.15
C PRO A 178 5.15 14.84 -22.31
N GLN A 179 4.02 14.82 -23.01
CA GLN A 179 3.87 13.96 -24.18
C GLN A 179 4.99 14.21 -25.21
N LYS A 180 5.36 13.16 -25.93
CA LYS A 180 6.40 13.26 -26.95
C LYS A 180 5.87 13.99 -28.18
N GLU A 181 4.61 13.75 -28.51
CA GLU A 181 3.97 14.38 -29.65
C GLU A 181 4.04 15.90 -29.75
N PHE A 182 3.59 16.58 -28.70
CA PHE A 182 3.60 18.04 -28.68
C PHE A 182 5.00 18.42 -28.20
N LEU A 186 14.80 20.42 -30.71
CA LEU A 186 14.24 21.53 -29.96
C LEU A 186 14.70 21.50 -28.51
N GLU A 187 15.05 22.68 -27.99
CA GLU A 187 15.52 22.78 -26.61
C GLU A 187 14.57 22.06 -25.66
N ASP A 188 13.28 22.23 -25.86
CA ASP A 188 12.28 21.56 -25.05
C ASP A 188 12.32 20.05 -25.26
N LYS A 189 12.61 19.63 -26.48
CA LYS A 189 12.73 18.21 -26.79
C LYS A 189 13.96 17.62 -26.11
N THR A 190 14.96 18.47 -25.89
CA THR A 190 16.19 18.07 -25.21
C THR A 190 15.94 17.86 -23.72
N GLU A 191 14.96 18.57 -23.18
CA GLU A 191 14.64 18.47 -21.76
C GLU A 191 13.44 17.56 -21.45
N ASN A 192 12.49 17.52 -22.38
CA ASN A 192 11.34 16.65 -22.23
C ASN A 192 11.78 15.19 -22.14
N ASP A 193 12.79 14.85 -22.93
CA ASP A 193 13.37 13.51 -22.89
C ASP A 193 13.98 13.23 -21.52
N LYS A 194 14.67 14.24 -20.98
CA LYS A 194 15.23 14.15 -19.63
C LYS A 194 14.15 13.97 -18.58
N ILE A 195 13.08 14.75 -18.70
CA ILE A 195 11.98 14.66 -17.74
C ILE A 195 11.13 13.42 -18.00
N ARG A 196 10.98 13.06 -19.26
CA ARG A 196 10.42 11.76 -19.60
C ARG A 196 11.35 10.60 -19.28
N GLN A 197 12.61 10.73 -19.71
CA GLN A 197 13.61 9.67 -19.65
C GLN A 197 14.12 9.17 -18.28
N GLU A 198 14.38 10.07 -17.33
CA GLU A 198 15.00 9.67 -16.07
C GLU A 198 14.29 10.17 -14.82
N SER A 199 13.98 11.46 -14.80
CA SER A 199 13.48 12.12 -13.59
C SER A 199 12.15 11.54 -13.12
N MET A 200 11.28 11.23 -14.07
CA MET A 200 9.92 10.79 -13.73
C MET A 200 9.78 9.28 -13.75
N PRO A 201 8.87 8.76 -12.91
CA PRO A 201 7.98 9.58 -12.09
C PRO A 201 8.69 10.18 -10.89
N PHE A 202 8.32 11.39 -10.50
CA PHE A 202 8.89 12.02 -9.33
C PHE A 202 8.52 11.23 -8.07
N ALA A 203 9.52 10.80 -7.31
CA ALA A 203 9.25 10.11 -6.05
C ALA A 203 9.24 11.14 -4.91
N VAL A 204 8.09 11.28 -4.26
CA VAL A 204 7.89 12.36 -3.31
C VAL A 204 7.67 11.93 -1.87
N VAL A 205 8.12 12.79 -0.95
CA VAL A 205 7.85 12.63 0.47
C VAL A 205 7.14 13.89 0.94
N GLY A 206 5.92 13.75 1.43
CA GLY A 206 5.12 14.92 1.82
C GLY A 206 4.88 15.06 3.31
N SER A 207 5.45 16.12 3.89
CA SER A 207 5.28 16.38 5.31
C SER A 207 4.74 17.77 5.59
N ASP A 208 3.66 17.83 6.35
CA ASP A 208 3.00 19.09 6.66
C ASP A 208 3.68 19.83 7.80
N LYS A 209 4.60 19.14 8.46
CA LYS A 209 5.21 19.64 9.69
C LYS A 209 6.54 20.36 9.47
N GLU A 210 6.68 21.52 10.10
CA GLU A 210 7.94 22.26 10.07
C GLU A 210 8.81 21.96 11.29
N TYR A 211 10.05 21.56 11.04
CA TYR A 211 11.03 21.36 12.10
C TYR A 211 12.29 22.15 11.77
N GLN A 212 12.86 22.82 12.77
CA GLN A 212 14.11 23.55 12.56
C GLN A 212 15.28 22.57 12.41
N VAL A 213 15.80 22.46 11.19
CA VAL A 213 16.89 21.54 10.91
C VAL A 213 18.05 22.30 10.28
N ASN A 214 19.22 22.21 10.92
CA ASN A 214 20.41 22.89 10.44
C ASN A 214 20.28 24.42 10.50
N GLY A 215 19.58 24.91 11.52
CA GLY A 215 19.51 26.35 11.77
C GLY A 215 18.32 27.06 11.17
N LYS A 216 17.53 26.35 10.36
CA LYS A 216 16.37 26.97 9.71
C LYS A 216 15.15 26.06 9.68
N ARG A 217 13.97 26.65 9.71
CA ARG A 217 12.72 25.90 9.65
C ARG A 217 12.56 25.20 8.31
N VAL A 218 12.43 23.88 8.33
CA VAL A 218 12.29 23.09 7.11
C VAL A 218 11.08 22.15 7.21
N LEU A 219 10.56 21.72 6.07
CA LEU A 219 9.48 20.73 6.03
C LEU A 219 10.04 19.33 5.85
N GLY A 220 9.56 18.38 6.66
CA GLY A 220 10.04 17.02 6.57
C GLY A 220 9.40 16.05 7.54
N ARG A 221 9.44 14.76 7.19
CA ARG A 221 8.91 13.71 8.04
C ARG A 221 9.81 13.51 9.24
N LYS A 222 9.20 13.30 10.40
CA LYS A 222 9.94 13.13 11.65
C LYS A 222 10.24 11.66 11.94
N THR A 223 10.75 10.94 10.96
CA THR A 223 11.12 9.55 11.14
C THR A 223 12.13 9.44 12.28
N PRO A 224 11.93 8.47 13.19
CA PRO A 224 12.82 8.28 14.33
C PRO A 224 14.28 8.21 13.90
N TRP A 225 14.53 7.68 12.71
CA TRP A 225 15.89 7.55 12.18
C TRP A 225 16.73 8.79 12.45
N ILE A 227 15.48 13.07 10.80
CA ILE A 227 14.51 13.85 10.03
C ILE A 227 14.84 13.85 8.55
N ILE A 228 13.80 13.70 7.72
CA ILE A 228 13.97 13.70 6.27
C ILE A 228 13.33 14.94 5.66
N GLU A 229 14.13 15.70 4.92
CA GLU A 229 13.68 16.98 4.37
C GLU A 229 12.91 16.83 3.06
N VAL A 230 11.67 17.29 3.08
CA VAL A 230 10.77 17.16 1.94
C VAL A 230 11.36 17.78 0.67
N GLU A 231 12.08 18.89 0.83
CA GLU A 231 12.56 19.66 -0.31
C GLU A 231 14.01 19.32 -0.70
N ASN A 232 14.82 18.96 0.29
CA ASN A 232 16.21 18.59 0.03
C ASN A 232 16.31 17.62 -1.14
N LEU A 233 17.03 18.03 -2.18
CA LEU A 233 17.17 17.23 -3.39
C LEU A 233 17.90 15.91 -3.13
N ASN A 234 18.64 15.87 -2.04
CA ASN A 234 19.34 14.65 -1.65
C ASN A 234 18.43 13.68 -0.89
N HIS A 235 17.31 14.19 -0.40
CA HIS A 235 16.37 13.36 0.36
C HIS A 235 15.25 12.81 -0.52
N CYS A 236 14.69 13.65 -1.39
CA CYS A 236 13.64 13.21 -2.32
C CYS A 236 13.45 14.19 -3.48
N GLU A 237 12.57 13.81 -4.41
CA GLU A 237 12.36 14.57 -5.63
C GLU A 237 11.15 15.49 -5.57
N PHE A 238 10.74 15.87 -4.37
CA PHE A 238 9.61 16.79 -4.27
C PHE A 238 9.95 18.15 -4.83
N ALA A 239 11.13 18.65 -4.50
CA ALA A 239 11.57 19.95 -5.01
C ALA A 239 11.56 19.97 -6.54
N LEU A 240 11.97 18.86 -7.15
CA LEU A 240 11.97 18.76 -8.61
C LEU A 240 10.56 18.83 -9.18
N LEU A 241 9.67 17.98 -8.67
CA LEU A 241 8.29 17.95 -9.12
C LEU A 241 7.64 19.32 -8.94
N ARG A 242 7.92 19.96 -7.82
CA ARG A 242 7.31 21.24 -7.51
C ARG A 242 7.72 22.30 -8.53
N ASP A 243 9.02 22.43 -8.74
CA ASP A 243 9.56 23.37 -9.73
C ASP A 243 9.02 23.05 -11.11
N PHE A 244 8.91 21.77 -11.43
CA PHE A 244 8.48 21.34 -12.75
C PHE A 244 7.07 21.82 -13.08
N VAL A 245 6.17 21.74 -12.10
CA VAL A 245 4.75 22.03 -12.33
C VAL A 245 4.38 23.48 -12.04
N ILE A 246 5.17 24.14 -11.20
CA ILE A 246 4.82 25.49 -10.77
C ILE A 246 5.68 26.57 -11.45
N ARG A 247 6.78 26.16 -12.05
CA ARG A 247 7.70 27.08 -12.71
C ARG A 247 7.92 26.73 -14.18
N THR A 248 8.68 25.67 -14.41
CA THR A 248 9.16 25.31 -15.73
C THR A 248 8.05 24.96 -16.72
N HIS A 249 7.10 24.13 -16.30
CA HIS A 249 6.08 23.63 -17.22
C HIS A 249 4.67 24.06 -16.83
N LEU A 250 4.58 25.12 -16.02
CA LEU A 250 3.29 25.62 -15.58
C LEU A 250 2.44 26.12 -16.75
N GLN A 251 3.07 26.82 -17.69
CA GLN A 251 2.38 27.36 -18.84
C GLN A 251 2.09 26.29 -19.88
N ASP A 252 3.08 25.45 -20.17
CA ASP A 252 2.94 24.38 -21.15
C ASP A 252 1.73 23.51 -20.79
N LEU A 253 1.61 23.19 -19.51
CA LEU A 253 0.47 22.42 -19.03
C LEU A 253 -0.84 23.09 -19.43
N LYS A 254 -0.98 24.38 -19.12
CA LYS A 254 -2.19 25.12 -19.45
C LYS A 254 -2.43 25.12 -20.96
N GLU A 255 -1.37 25.34 -21.73
CA GLU A 255 -1.52 25.39 -23.18
C GLU A 255 -2.03 24.08 -23.78
N VAL A 256 -1.47 22.97 -23.33
CA VAL A 256 -1.87 21.67 -23.85
C VAL A 256 -3.27 21.31 -23.39
N THR A 257 -3.64 21.79 -22.20
CA THR A 257 -4.98 21.57 -21.67
C THR A 257 -6.01 22.23 -22.56
N HIS A 258 -5.75 23.48 -22.94
CA HIS A 258 -6.69 24.27 -23.71
C HIS A 258 -6.71 23.89 -25.18
N ASN A 259 -5.53 23.77 -25.78
CA ASN A 259 -5.41 23.55 -27.21
C ASN A 259 -5.66 22.11 -27.68
N ILE A 260 -5.43 21.14 -26.80
CA ILE A 260 -5.64 19.74 -27.14
C ILE A 260 -6.87 19.15 -26.45
N HIS A 261 -6.75 18.90 -25.15
CA HIS A 261 -7.80 18.23 -24.38
C HIS A 261 -9.14 18.96 -24.51
N TYR A 262 -9.19 20.20 -24.04
CA TYR A 262 -10.42 20.98 -24.10
C TYR A 262 -11.00 21.04 -25.50
N GLU A 263 -10.17 21.43 -26.47
CA GLU A 263 -10.60 21.50 -27.85
C GLU A 263 -11.26 20.19 -28.29
N THR A 264 -10.60 19.07 -28.01
CA THR A 264 -11.13 17.75 -28.36
C THR A 264 -12.51 17.51 -27.76
N TYR A 265 -12.73 18.08 -26.57
CA TYR A 265 -14.02 17.93 -25.90
C TYR A 265 -15.12 18.63 -26.69
N ARG A 266 -14.95 19.92 -26.90
CA ARG A 266 -15.96 20.72 -27.59
C ARG A 266 -16.15 20.24 -29.03
N ALA A 267 -15.08 19.77 -29.65
CA ALA A 267 -15.15 19.23 -31.00
C ALA A 267 -16.09 18.02 -31.04
N LYS A 268 -15.92 17.12 -30.09
CA LYS A 268 -16.79 15.95 -29.99
C LYS A 268 -18.19 16.37 -29.55
N ARG A 269 -18.27 17.44 -28.78
CA ARG A 269 -19.54 17.95 -28.26
C ARG A 269 -20.35 18.63 -29.36
N LEU A 270 -19.63 19.30 -30.27
CA LEU A 270 -20.27 20.00 -31.38
C LEU A 270 -20.03 19.26 -32.69
N PHE B 1 7.08 -33.63 13.55
CA PHE B 1 6.74 -32.32 14.09
C PHE B 1 6.65 -31.29 12.97
N ASP B 2 5.48 -31.24 12.32
CA ASP B 2 5.26 -30.30 11.22
C ASP B 2 4.54 -29.05 11.70
N PHE B 3 5.11 -27.89 11.41
CA PHE B 3 4.43 -26.64 11.70
C PHE B 3 4.20 -25.86 10.40
N ASN B 4 2.97 -25.37 10.22
CA ASN B 4 2.59 -24.72 8.96
C ASN B 4 2.07 -23.30 9.12
N ILE B 5 2.82 -22.36 8.59
CA ILE B 5 2.46 -20.95 8.65
C ILE B 5 2.17 -20.42 7.24
N MET B 6 1.06 -19.72 7.07
CA MET B 6 0.70 -19.16 5.77
C MET B 6 0.69 -17.64 5.83
N VAL B 7 1.28 -17.02 4.83
CA VAL B 7 1.34 -15.57 4.76
C VAL B 7 0.35 -15.02 3.73
N VAL B 8 -0.53 -14.12 4.16
CA VAL B 8 -1.59 -13.61 3.30
C VAL B 8 -1.67 -12.09 3.34
N GLY B 9 -2.21 -11.50 2.27
CA GLY B 9 -2.37 -10.06 2.19
C GLY B 9 -2.25 -9.57 0.76
N GLN B 10 -2.61 -8.32 0.51
CA GLN B 10 -2.49 -7.76 -0.83
C GLN B 10 -1.04 -7.69 -1.28
N SER B 11 -0.86 -7.64 -2.60
CA SER B 11 0.48 -7.72 -3.20
C SER B 11 1.36 -6.51 -2.89
N GLY B 12 2.66 -6.75 -2.81
CA GLY B 12 3.64 -5.70 -2.61
C GLY B 12 3.73 -5.19 -1.18
N LEU B 13 3.43 -6.05 -0.22
CA LEU B 13 3.45 -5.66 1.19
C LEU B 13 4.68 -6.17 1.94
N GLY B 14 5.44 -7.07 1.30
CA GLY B 14 6.63 -7.60 1.92
C GLY B 14 6.42 -8.96 2.56
N LYS B 15 5.44 -9.70 2.05
CA LYS B 15 5.14 -11.03 2.56
C LYS B 15 6.26 -12.01 2.23
N SER B 16 6.63 -12.08 0.95
CA SER B 16 7.68 -12.98 0.51
C SER B 16 9.02 -12.67 1.16
N THR B 17 9.37 -11.38 1.19
CA THR B 17 10.61 -10.94 1.80
C THR B 17 10.66 -11.32 3.27
N LEU B 18 9.48 -11.43 3.89
CA LEU B 18 9.38 -11.80 5.29
C LEU B 18 9.52 -13.31 5.47
N VAL B 19 8.92 -14.08 4.56
CA VAL B 19 9.03 -15.53 4.59
C VAL B 19 10.48 -15.91 4.65
N ASN B 20 11.29 -15.34 3.75
CA ASN B 20 12.72 -15.57 3.74
C ASN B 20 13.37 -15.05 5.02
N THR B 21 12.87 -13.93 5.54
CA THR B 21 13.39 -13.36 6.77
C THR B 21 13.19 -14.30 7.95
N LEU B 22 12.02 -14.94 8.00
CA LEU B 22 11.68 -15.84 9.09
C LEU B 22 12.61 -17.05 9.08
N PHE B 23 12.69 -17.72 7.93
CA PHE B 23 13.60 -18.83 7.78
C PHE B 23 15.03 -18.44 8.14
N LYS B 24 15.49 -17.32 7.58
CA LYS B 24 16.87 -16.88 7.76
C LYS B 24 17.22 -16.60 9.22
N SER B 25 16.21 -16.28 10.02
CA SER B 25 16.41 -15.94 11.43
C SER B 25 16.37 -17.20 12.29
N GLN B 26 15.29 -17.97 12.16
CA GLN B 26 15.15 -19.19 12.94
C GLN B 26 15.91 -20.37 12.32
N VAL B 27 17.12 -20.09 11.84
CA VAL B 27 17.99 -21.11 11.26
C VAL B 27 19.46 -20.83 11.55
N LYS B 39 15.60 -9.32 -4.72
CA LYS B 39 15.51 -9.98 -6.01
C LYS B 39 14.34 -10.97 -6.05
N ILE B 40 13.43 -10.84 -5.10
CA ILE B 40 12.29 -11.74 -5.00
C ILE B 40 11.17 -11.32 -5.95
N PRO B 41 10.82 -12.19 -6.90
CA PRO B 41 9.79 -11.94 -7.90
C PRO B 41 8.37 -12.05 -7.34
N LYS B 42 7.40 -11.50 -8.05
CA LYS B 42 6.01 -11.61 -7.65
C LYS B 42 5.56 -13.06 -7.74
N THR B 43 4.80 -13.50 -6.74
CA THR B 43 4.33 -14.88 -6.68
C THR B 43 3.08 -15.08 -7.53
N VAL B 44 3.09 -16.13 -8.34
CA VAL B 44 1.96 -16.43 -9.21
C VAL B 44 1.08 -17.51 -8.61
N GLU B 45 1.72 -18.59 -8.16
CA GLU B 45 0.99 -19.71 -7.58
C GLU B 45 1.25 -19.84 -6.08
N ILE B 46 0.37 -20.53 -5.38
CA ILE B 46 0.59 -20.83 -3.97
C ILE B 46 1.73 -21.83 -3.82
N LYS B 47 2.78 -21.44 -3.10
CA LYS B 47 3.94 -22.30 -2.92
C LYS B 47 4.35 -22.41 -1.46
N ALA B 48 4.30 -23.62 -0.91
CA ALA B 48 4.70 -23.86 0.47
C ALA B 48 6.17 -24.31 0.53
N ILE B 49 6.98 -23.56 1.28
CA ILE B 49 8.40 -23.87 1.41
C ILE B 49 8.70 -24.59 2.73
N GLY B 50 9.13 -25.84 2.62
CA GLY B 50 9.50 -26.62 3.79
C GLY B 50 11.00 -26.66 4.04
N HIS B 51 11.42 -26.16 5.20
CA HIS B 51 12.82 -26.22 5.60
C HIS B 51 13.00 -26.90 6.96
N VAL B 52 13.44 -28.15 6.95
CA VAL B 52 13.63 -28.92 8.17
C VAL B 52 14.71 -28.31 9.08
N ILE B 53 14.26 -27.60 10.11
CA ILE B 53 15.17 -26.92 11.02
C ILE B 53 14.71 -27.08 12.46
N GLU B 54 15.64 -27.07 13.40
CA GLU B 54 15.30 -27.22 14.81
C GLU B 54 14.26 -26.17 15.25
N GLY B 56 11.23 -27.60 20.43
CA GLY B 56 12.03 -26.39 20.37
C GLY B 56 13.47 -26.69 19.99
N GLY B 57 14.25 -27.17 20.96
CA GLY B 57 15.63 -27.54 20.71
C GLY B 57 15.76 -28.67 19.70
N VAL B 58 14.85 -29.65 19.80
CA VAL B 58 14.82 -30.78 18.88
C VAL B 58 14.46 -30.35 17.45
N LYS B 59 14.31 -31.32 16.54
CA LYS B 59 13.98 -31.00 15.14
C LYS B 59 12.51 -30.64 14.91
N MET B 60 12.27 -29.78 13.93
CA MET B 60 10.92 -29.35 13.57
C MET B 60 10.86 -28.94 12.11
N LYS B 61 9.91 -29.50 11.37
CA LYS B 61 9.77 -29.14 9.95
C LYS B 61 8.65 -28.14 9.72
N LEU B 62 8.99 -26.85 9.69
CA LEU B 62 8.01 -25.82 9.39
C LEU B 62 8.01 -25.46 7.91
N THR B 63 6.84 -25.53 7.30
CA THR B 63 6.70 -25.15 5.90
C THR B 63 5.92 -23.83 5.81
N VAL B 64 6.58 -22.80 5.29
CA VAL B 64 5.93 -21.50 5.13
C VAL B 64 5.24 -21.41 3.77
N ILE B 65 3.92 -21.31 3.79
CA ILE B 65 3.14 -21.19 2.56
C ILE B 65 3.12 -19.75 2.07
N ASP B 66 3.18 -19.57 0.76
CA ASP B 66 3.21 -18.22 0.17
C ASP B 66 1.94 -17.98 -0.62
N THR B 67 1.46 -16.74 -0.61
CA THR B 67 0.20 -16.38 -1.25
C THR B 67 0.35 -15.21 -2.23
N PRO B 68 -0.16 -15.39 -3.46
CA PRO B 68 -0.11 -14.35 -4.50
C PRO B 68 -1.27 -13.37 -4.39
N GLY B 69 -1.00 -12.09 -4.64
CA GLY B 69 -2.03 -11.06 -4.67
C GLY B 69 -3.10 -11.18 -3.61
N PHE B 70 -4.29 -10.71 -3.95
CA PHE B 70 -5.46 -10.76 -3.07
C PHE B 70 -6.58 -9.87 -3.60
N ASP B 72 -5.92 -5.66 -5.10
CA ASP B 72 -4.78 -5.90 -5.97
C ASP B 72 -5.22 -6.03 -7.42
N GLN B 73 -6.53 -6.14 -7.64
CA GLN B 73 -7.10 -6.27 -8.98
C GLN B 73 -8.32 -5.39 -9.18
N ILE B 74 -8.74 -5.25 -10.44
CA ILE B 74 -9.91 -4.44 -10.78
C ILE B 74 -11.12 -4.80 -9.93
N ASN B 75 -11.60 -6.03 -10.08
CA ASN B 75 -12.70 -6.54 -9.28
C ASN B 75 -12.24 -7.67 -8.36
N ASN B 76 -12.31 -7.43 -7.05
CA ASN B 76 -11.84 -8.40 -6.05
C ASN B 76 -12.98 -9.04 -5.27
N GLU B 77 -13.69 -9.95 -5.92
CA GLU B 77 -14.78 -10.67 -5.28
C GLU B 77 -14.32 -12.05 -4.89
N ASN B 78 -14.72 -12.51 -3.72
CA ASN B 78 -14.38 -13.87 -3.29
C ASN B 78 -12.92 -14.21 -3.56
N CYS B 79 -12.06 -13.20 -3.56
CA CYS B 79 -10.64 -13.40 -3.81
C CYS B 79 -10.02 -14.24 -2.70
N TRP B 80 -10.83 -14.60 -1.72
CA TRP B 80 -10.42 -15.45 -0.62
C TRP B 80 -10.70 -16.91 -0.95
N GLU B 81 -11.66 -17.13 -1.84
CA GLU B 81 -12.06 -18.48 -2.23
C GLU B 81 -10.87 -19.42 -2.50
N PRO B 82 -9.91 -18.98 -3.32
CA PRO B 82 -8.75 -19.83 -3.64
C PRO B 82 -7.99 -20.30 -2.40
N ILE B 83 -7.87 -19.43 -1.41
CA ILE B 83 -7.16 -19.76 -0.18
C ILE B 83 -7.99 -20.69 0.70
N GLU B 84 -9.27 -20.38 0.87
CA GLU B 84 -10.17 -21.26 1.59
C GLU B 84 -10.10 -22.66 1.01
N LYS B 85 -10.07 -22.75 -0.31
CA LYS B 85 -10.02 -24.03 -1.01
C LYS B 85 -8.76 -24.79 -0.64
N TYR B 86 -7.63 -24.09 -0.58
CA TYR B 86 -6.38 -24.71 -0.20
C TYR B 86 -6.45 -25.23 1.23
N ILE B 87 -6.86 -24.36 2.14
CA ILE B 87 -6.97 -24.72 3.55
C ILE B 87 -7.88 -25.93 3.72
N ASN B 88 -9.02 -25.91 3.04
CA ASN B 88 -9.96 -27.03 3.08
C ASN B 88 -9.40 -28.28 2.42
N GLU B 89 -8.56 -28.08 1.41
CA GLU B 89 -7.94 -29.20 0.73
C GLU B 89 -7.08 -29.99 1.70
N GLN B 90 -6.45 -29.29 2.63
CA GLN B 90 -5.57 -29.93 3.61
C GLN B 90 -6.36 -30.64 4.69
N TYR B 91 -7.52 -30.10 5.03
CA TYR B 91 -8.42 -30.71 6.01
C TYR B 91 -8.95 -32.03 5.48
N GLU B 92 -9.31 -32.05 4.21
CA GLU B 92 -9.79 -33.27 3.56
C GLU B 92 -8.66 -34.31 3.50
N LYS B 93 -7.44 -33.85 3.29
CA LYS B 93 -6.28 -34.73 3.18
C LYS B 93 -5.98 -35.40 4.51
N PHE B 94 -6.00 -34.61 5.58
CA PHE B 94 -5.77 -35.14 6.92
C PHE B 94 -6.91 -36.06 7.32
N LEU B 95 -8.13 -35.69 6.94
CA LEU B 95 -9.29 -36.52 7.21
C LEU B 95 -9.13 -37.86 6.52
N LYS B 96 -8.46 -37.84 5.36
CA LYS B 96 -8.23 -39.04 4.57
C LYS B 96 -7.08 -39.87 5.15
N GLU B 97 -6.17 -39.20 5.86
CA GLU B 97 -5.00 -39.86 6.44
C GLU B 97 -5.08 -39.98 7.95
N GLU B 98 -6.22 -39.60 8.53
CA GLU B 98 -6.41 -39.70 9.98
C GLU B 98 -6.51 -41.17 10.38
N VAL B 99 -7.20 -41.95 9.55
CA VAL B 99 -7.21 -43.39 9.71
C VAL B 99 -5.89 -43.96 9.21
N ASN B 100 -5.07 -44.44 10.13
CA ASN B 100 -3.76 -44.97 9.78
C ASN B 100 -3.86 -46.36 9.15
N ILE B 101 -4.39 -46.42 7.93
CA ILE B 101 -4.41 -47.65 7.17
C ILE B 101 -2.98 -48.14 6.99
N ALA B 102 -2.10 -47.20 6.69
CA ALA B 102 -0.68 -47.49 6.58
C ALA B 102 -0.09 -47.78 7.95
N ARG B 103 -0.89 -47.59 8.99
CA ARG B 103 -0.46 -47.86 10.36
C ARG B 103 0.81 -47.09 10.69
N LYS B 104 0.80 -45.79 10.43
CA LYS B 104 1.94 -44.93 10.71
C LYS B 104 1.93 -44.45 12.16
N LYS B 105 3.09 -44.47 12.80
CA LYS B 105 3.23 -44.01 14.18
C LYS B 105 2.91 -42.52 14.28
N ARG B 106 3.55 -41.72 13.43
CA ARG B 106 3.28 -40.29 13.36
C ARG B 106 2.65 -39.91 12.02
N ILE B 107 1.60 -39.11 12.05
CA ILE B 107 0.88 -38.72 10.83
C ILE B 107 1.31 -37.36 10.30
N PRO B 108 1.61 -37.29 8.98
CA PRO B 108 2.05 -36.04 8.35
C PRO B 108 0.92 -35.00 8.33
N ASP B 109 1.24 -33.79 8.77
CA ASP B 109 0.22 -32.76 8.86
C ASP B 109 0.55 -31.57 7.95
N THR B 110 -0.37 -31.28 7.04
CA THR B 110 -0.19 -30.18 6.11
C THR B 110 -1.26 -29.09 6.27
N ARG B 111 -1.90 -29.06 7.43
CA ARG B 111 -2.95 -28.09 7.70
C ARG B 111 -2.36 -26.77 8.18
N VAL B 112 -2.98 -25.66 7.79
CA VAL B 112 -2.48 -24.34 8.17
C VAL B 112 -2.78 -24.04 9.64
N HIS B 113 -1.75 -24.12 10.48
CA HIS B 113 -1.93 -23.90 11.91
C HIS B 113 -2.04 -22.41 12.19
N CYS B 114 -1.21 -21.64 11.52
CA CYS B 114 -1.16 -20.20 11.77
C CYS B 114 -1.19 -19.43 10.45
N CYS B 115 -1.92 -18.32 10.44
CA CYS B 115 -2.05 -17.52 9.24
C CYS B 115 -1.91 -16.03 9.53
N LEU B 116 -0.85 -15.43 8.98
CA LEU B 116 -0.55 -14.02 9.20
C LEU B 116 -1.12 -13.17 8.07
N TYR B 117 -1.93 -12.18 8.44
CA TYR B 117 -2.55 -11.31 7.44
C TYR B 117 -1.91 -9.93 7.45
N PHE B 118 -1.41 -9.51 6.29
CA PHE B 118 -0.70 -8.24 6.16
C PHE B 118 -1.60 -7.06 5.84
N ILE B 119 -1.50 -6.02 6.66
CA ILE B 119 -2.33 -4.84 6.54
C ILE B 119 -1.48 -3.64 6.15
N SER B 120 -1.66 -3.16 4.93
CA SER B 120 -0.99 -1.95 4.47
C SER B 120 -1.21 -0.82 5.47
N PRO B 121 -0.12 -0.14 5.86
CA PRO B 121 -0.21 0.92 6.86
C PRO B 121 -0.73 2.21 6.25
N THR B 122 -1.97 2.17 5.76
CA THR B 122 -2.56 3.31 5.08
C THR B 122 -2.83 4.46 6.04
N GLY B 123 -2.72 4.19 7.33
CA GLY B 123 -2.97 5.19 8.34
C GLY B 123 -4.43 5.61 8.42
N HIS B 124 -5.29 4.83 7.79
CA HIS B 124 -6.73 5.09 7.81
C HIS B 124 -7.49 3.87 8.30
N SER B 125 -8.82 3.95 8.24
CA SER B 125 -9.65 2.81 8.56
C SER B 125 -9.35 1.68 7.58
N LEU B 126 -9.37 0.44 8.09
CA LEU B 126 -9.06 -0.73 7.27
C LEU B 126 -9.99 -0.80 6.06
N ARG B 127 -9.45 -1.25 4.93
CA ARG B 127 -10.25 -1.39 3.71
C ARG B 127 -11.27 -2.51 3.85
N PRO B 128 -12.53 -2.25 3.48
CA PRO B 128 -13.63 -3.20 3.60
C PRO B 128 -13.31 -4.57 3.01
N LEU B 129 -12.49 -4.61 1.96
CA LEU B 129 -12.05 -5.88 1.40
C LEU B 129 -11.18 -6.62 2.40
N ASP B 130 -10.25 -5.89 3.01
CA ASP B 130 -9.39 -6.44 4.04
C ASP B 130 -10.23 -7.10 5.14
N LEU B 131 -11.29 -6.43 5.56
CA LEU B 131 -12.15 -6.95 6.62
C LEU B 131 -12.89 -8.22 6.19
N GLU B 132 -13.49 -8.16 5.00
CA GLU B 132 -14.16 -9.33 4.44
C GLU B 132 -13.20 -10.50 4.29
N PHE B 133 -11.98 -10.22 3.83
CA PHE B 133 -10.96 -11.24 3.64
C PHE B 133 -10.68 -11.94 4.97
N MET B 134 -10.49 -11.13 6.01
CA MET B 134 -10.16 -11.65 7.34
C MET B 134 -11.31 -12.44 7.97
N LYS B 135 -12.52 -11.96 7.78
CA LYS B 135 -13.68 -12.55 8.44
C LYS B 135 -13.89 -14.01 8.04
N HIS B 136 -13.74 -14.30 6.76
CA HIS B 136 -13.92 -15.66 6.28
C HIS B 136 -12.84 -16.60 6.81
N LEU B 137 -11.60 -16.15 6.76
CA LEU B 137 -10.47 -16.97 7.17
C LEU B 137 -10.51 -17.33 8.64
N SER B 138 -10.89 -16.38 9.49
CA SER B 138 -10.88 -16.58 10.93
C SER B 138 -11.76 -17.76 11.35
N LYS B 139 -12.82 -17.99 10.57
CA LYS B 139 -13.76 -19.07 10.86
C LYS B 139 -13.30 -20.40 10.29
N VAL B 140 -12.06 -20.44 9.81
CA VAL B 140 -11.52 -21.66 9.24
C VAL B 140 -10.05 -21.86 9.62
N VAL B 141 -9.45 -20.84 10.23
CA VAL B 141 -8.02 -20.89 10.53
C VAL B 141 -7.65 -19.87 11.59
N ASN B 142 -6.44 -20.00 12.14
CA ASN B 142 -5.93 -19.03 13.10
C ASN B 142 -5.33 -17.84 12.39
N ILE B 143 -5.97 -16.68 12.53
CA ILE B 143 -5.46 -15.46 11.92
C ILE B 143 -4.69 -14.60 12.91
N ILE B 144 -3.53 -14.11 12.47
CA ILE B 144 -2.74 -13.20 13.30
C ILE B 144 -2.41 -11.93 12.54
N PRO B 145 -3.08 -10.82 12.89
CA PRO B 145 -2.96 -9.53 12.21
C PRO B 145 -1.55 -8.95 12.30
N VAL B 146 -0.95 -8.68 11.14
CA VAL B 146 0.37 -8.07 11.06
C VAL B 146 0.31 -6.80 10.21
N ILE B 147 1.12 -5.81 10.58
CA ILE B 147 1.19 -4.56 9.82
C ILE B 147 2.49 -4.51 9.02
N ALA B 148 2.37 -4.58 7.71
CA ALA B 148 3.52 -4.63 6.82
C ALA B 148 4.27 -3.31 6.77
N LYS B 149 5.58 -3.39 6.49
CA LYS B 149 6.40 -2.19 6.32
C LYS B 149 6.19 -1.21 7.48
N ALA B 150 6.32 -1.70 8.71
CA ALA B 150 6.14 -0.84 9.88
C ALA B 150 7.06 0.38 9.84
N ASP B 151 8.20 0.23 9.18
CA ASP B 151 9.21 1.30 9.13
C ASP B 151 8.72 2.58 8.44
N THR B 152 7.73 2.44 7.56
CA THR B 152 7.21 3.60 6.86
C THR B 152 6.61 4.62 7.83
N MET B 153 5.93 4.12 8.85
CA MET B 153 5.20 4.97 9.78
C MET B 153 6.10 5.60 10.83
N THR B 154 5.64 6.69 11.41
CA THR B 154 6.33 7.31 12.53
C THR B 154 5.91 6.62 13.82
N LEU B 155 6.47 7.08 14.94
CA LEU B 155 6.13 6.51 16.23
C LEU B 155 4.67 6.81 16.60
N GLU B 156 4.29 8.07 16.48
CA GLU B 156 2.92 8.49 16.79
C GLU B 156 1.91 7.91 15.80
N GLU B 157 2.32 7.75 14.56
CA GLU B 157 1.43 7.20 13.54
C GLU B 157 1.20 5.70 13.75
N LYS B 158 2.27 4.98 14.07
CA LYS B 158 2.19 3.55 14.36
C LYS B 158 1.25 3.26 15.53
N SER B 159 1.41 3.99 16.63
CA SER B 159 0.55 3.79 17.80
C SER B 159 -0.91 3.94 17.42
N GLU B 160 -1.21 5.02 16.72
CA GLU B 160 -2.59 5.33 16.33
C GLU B 160 -3.16 4.26 15.42
N PHE B 161 -2.33 3.69 14.54
CA PHE B 161 -2.80 2.70 13.59
C PHE B 161 -3.06 1.36 14.27
N LYS B 162 -2.16 0.97 15.17
CA LYS B 162 -2.35 -0.25 15.94
C LYS B 162 -3.68 -0.21 16.70
N GLN B 163 -3.91 0.89 17.40
CA GLN B 163 -5.14 1.05 18.16
C GLN B 163 -6.34 1.04 17.21
N ARG B 164 -6.18 1.69 16.06
CA ARG B 164 -7.24 1.75 15.06
C ARG B 164 -7.63 0.38 14.53
N VAL B 165 -6.63 -0.46 14.28
CA VAL B 165 -6.85 -1.81 13.78
C VAL B 165 -7.55 -2.66 14.85
N ARG B 166 -7.07 -2.57 16.08
CA ARG B 166 -7.68 -3.30 17.19
C ARG B 166 -9.16 -2.97 17.31
N LYS B 167 -9.49 -1.68 17.25
CA LYS B 167 -10.88 -1.25 17.37
C LYS B 167 -11.75 -1.81 16.25
N GLU B 168 -11.31 -1.62 15.02
CA GLU B 168 -12.06 -2.07 13.84
C GLU B 168 -12.35 -3.57 13.88
N LEU B 169 -11.32 -4.36 14.19
CA LEU B 169 -11.46 -5.80 14.28
C LEU B 169 -12.45 -6.19 15.38
N GLU B 170 -12.28 -5.60 16.56
CA GLU B 170 -13.19 -5.88 17.67
C GLU B 170 -14.63 -5.53 17.29
N VAL B 171 -14.80 -4.39 16.64
CA VAL B 171 -16.12 -3.90 16.24
C VAL B 171 -16.80 -4.79 15.21
N ASN B 172 -16.00 -5.37 14.32
CA ASN B 172 -16.53 -6.20 13.23
C ASN B 172 -16.78 -7.64 13.63
N GLY B 173 -16.34 -8.01 14.83
CA GLY B 173 -16.48 -9.38 15.28
C GLY B 173 -15.58 -10.31 14.49
N ILE B 174 -14.29 -10.00 14.50
CA ILE B 174 -13.30 -10.83 13.82
C ILE B 174 -12.43 -11.55 14.83
N GLU B 175 -12.76 -12.82 15.10
CA GLU B 175 -12.04 -13.59 16.09
C GLU B 175 -10.68 -14.06 15.58
N PHE B 176 -9.63 -13.38 16.00
CA PHE B 176 -8.27 -13.76 15.63
C PHE B 176 -7.53 -14.36 16.83
N TYR B 177 -6.53 -15.20 16.56
CA TYR B 177 -5.75 -15.83 17.62
C TYR B 177 -4.92 -14.78 18.35
N PRO B 178 -4.92 -14.84 19.69
CA PRO B 178 -5.69 -15.82 20.46
C PRO B 178 -7.17 -15.46 20.54
N GLN B 179 -8.03 -16.34 20.03
CA GLN B 179 -9.47 -16.11 20.03
C GLN B 179 -10.01 -15.85 21.43
N LYS B 180 -10.99 -14.96 21.53
CA LYS B 180 -11.59 -14.62 22.80
C LYS B 180 -12.48 -15.76 23.28
N GLU B 181 -13.11 -16.43 22.33
CA GLU B 181 -14.04 -17.52 22.63
C GLU B 181 -13.34 -18.73 23.26
N PHE B 182 -12.09 -18.96 22.87
CA PHE B 182 -11.41 -20.19 23.24
C PHE B 182 -10.78 -20.18 24.60
N ASP B 183 -10.25 -19.03 25.03
CA ASP B 183 -9.64 -19.01 26.36
C ASP B 183 -10.73 -19.26 27.40
N GLU B 184 -10.45 -20.19 28.33
CA GLU B 184 -11.43 -20.53 29.36
C GLU B 184 -11.09 -19.92 30.73
N ASP B 185 -9.83 -20.02 31.12
CA ASP B 185 -9.38 -19.57 32.42
C ASP B 185 -9.42 -18.05 32.56
N LEU B 186 -9.73 -17.58 33.76
CA LEU B 186 -9.69 -16.16 34.05
C LEU B 186 -8.25 -15.69 33.89
N GLU B 187 -7.32 -16.52 34.36
CA GLU B 187 -5.91 -16.27 34.18
C GLU B 187 -5.57 -16.29 32.69
N ASP B 188 -6.17 -17.22 31.97
CA ASP B 188 -5.96 -17.34 30.53
C ASP B 188 -6.35 -16.04 29.84
N LYS B 189 -7.47 -15.46 30.27
CA LYS B 189 -7.96 -14.19 29.73
C LYS B 189 -7.02 -13.00 29.99
N THR B 190 -6.50 -12.92 31.21
CA THR B 190 -5.54 -11.87 31.58
C THR B 190 -4.35 -11.86 30.63
N GLU B 191 -3.77 -13.02 30.39
CA GLU B 191 -2.62 -13.15 29.50
C GLU B 191 -2.98 -12.94 28.03
N ASN B 192 -4.15 -13.41 27.64
CA ASN B 192 -4.60 -13.30 26.26
C ASN B 192 -5.18 -11.92 25.94
N ASP B 193 -5.61 -11.21 26.98
CA ASP B 193 -6.17 -9.88 26.81
C ASP B 193 -5.07 -8.84 26.64
N LYS B 194 -3.85 -9.22 26.99
CA LYS B 194 -2.71 -8.32 26.89
C LYS B 194 -1.88 -8.62 25.64
N ILE B 195 -2.24 -9.67 24.93
CA ILE B 195 -1.54 -10.06 23.72
C ILE B 195 -2.29 -9.62 22.48
N ARG B 196 -3.61 -9.50 22.61
CA ARG B 196 -4.45 -9.10 21.49
C ARG B 196 -4.98 -7.68 21.66
N GLN B 197 -4.92 -7.18 22.88
CA GLN B 197 -5.21 -5.77 23.13
C GLN B 197 -3.92 -4.95 23.18
N GLU B 198 -3.01 -5.38 24.05
CA GLU B 198 -1.68 -4.77 24.18
C GLU B 198 -0.70 -4.97 23.02
N SER B 199 -0.62 -6.19 22.51
CA SER B 199 0.45 -6.56 21.57
C SER B 199 0.08 -6.59 20.10
N MET B 200 -0.99 -7.30 19.75
CA MET B 200 -1.43 -7.35 18.36
C MET B 200 -1.92 -5.97 17.96
N PRO B 201 -1.65 -5.56 16.71
CA PRO B 201 -0.98 -6.37 15.69
C PRO B 201 0.51 -6.06 15.64
N PHE B 202 1.31 -7.06 15.30
CA PHE B 202 2.76 -6.89 15.25
C PHE B 202 3.21 -6.01 14.09
N ALA B 203 3.86 -4.89 14.42
CA ALA B 203 4.45 -4.01 13.41
C ALA B 203 5.83 -4.51 13.02
N VAL B 204 5.92 -5.15 11.85
CA VAL B 204 7.15 -5.83 11.45
C VAL B 204 7.88 -5.15 10.28
N VAL B 205 9.17 -5.45 10.17
CA VAL B 205 9.97 -4.98 9.06
C VAL B 205 10.81 -6.14 8.52
N GLY B 206 10.53 -6.57 7.30
CA GLY B 206 11.22 -7.70 6.71
C GLY B 206 12.53 -7.34 6.04
N SER B 207 13.52 -8.21 6.20
CA SER B 207 14.81 -8.03 5.53
C SER B 207 15.46 -9.38 5.22
N ASP B 208 15.84 -9.57 3.97
CA ASP B 208 16.48 -10.81 3.53
C ASP B 208 18.00 -10.67 3.49
N LYS B 209 18.47 -9.68 2.73
CA LYS B 209 19.90 -9.43 2.60
C LYS B 209 20.59 -9.49 3.96
N GLU B 210 21.47 -10.48 4.13
CA GLU B 210 22.20 -10.65 5.39
C GLU B 210 23.34 -9.64 5.50
N TYR B 211 23.12 -8.60 6.28
CA TYR B 211 24.14 -7.57 6.47
C TYR B 211 24.77 -7.67 7.85
N ARG B 217 26.91 -8.64 11.38
CA ARG B 217 26.19 -9.50 10.45
C ARG B 217 24.75 -9.67 10.91
N VAL B 218 24.12 -8.55 11.23
CA VAL B 218 22.77 -8.55 11.77
C VAL B 218 21.78 -8.08 10.71
N LEU B 219 20.74 -8.89 10.52
CA LEU B 219 19.69 -8.63 9.54
C LEU B 219 19.02 -7.29 9.80
N GLY B 220 18.49 -6.68 8.73
CA GLY B 220 17.82 -5.40 8.84
C GLY B 220 17.57 -4.77 7.50
N ARG B 221 17.04 -3.55 7.51
CA ARG B 221 16.74 -2.82 6.29
C ARG B 221 17.71 -1.64 6.13
N LYS B 222 18.30 -1.52 4.94
CA LYS B 222 19.31 -0.50 4.68
C LYS B 222 18.72 0.90 4.52
N THR B 223 18.50 1.59 5.64
CA THR B 223 17.98 2.96 5.61
C THR B 223 19.13 3.96 5.44
N PRO B 224 18.91 4.98 4.59
CA PRO B 224 19.90 6.03 4.33
C PRO B 224 20.43 6.68 5.62
N TRP B 225 19.54 7.11 6.50
CA TRP B 225 19.95 7.76 7.74
C TRP B 225 20.83 6.85 8.58
N GLY B 226 20.44 5.58 8.68
CA GLY B 226 21.20 4.59 9.43
C GLY B 226 20.54 3.23 9.27
N ILE B 227 21.30 2.17 9.51
CA ILE B 227 20.78 0.82 9.36
C ILE B 227 19.76 0.50 10.45
N ILE B 228 18.72 -0.24 10.09
CA ILE B 228 17.66 -0.60 11.03
C ILE B 228 17.59 -2.10 11.29
N GLU B 229 17.83 -2.49 12.54
CA GLU B 229 17.85 -3.90 12.93
C GLU B 229 16.45 -4.50 12.92
N VAL B 230 16.27 -5.50 12.06
CA VAL B 230 15.00 -6.19 11.92
C VAL B 230 14.64 -6.97 13.17
N GLU B 231 15.65 -7.47 13.87
CA GLU B 231 15.45 -8.29 15.06
C GLU B 231 15.46 -7.47 16.35
N ASN B 232 15.84 -6.19 16.25
CA ASN B 232 15.86 -5.32 17.41
C ASN B 232 14.44 -5.01 17.88
N LEU B 233 14.21 -5.11 19.19
CA LEU B 233 12.93 -4.77 19.77
C LEU B 233 12.71 -3.26 19.74
N ASN B 234 13.80 -2.51 19.75
CA ASN B 234 13.72 -1.05 19.72
C ASN B 234 13.42 -0.51 18.33
N HIS B 235 13.66 -1.34 17.31
CA HIS B 235 13.43 -0.94 15.93
C HIS B 235 12.07 -1.40 15.41
N CYS B 236 11.76 -2.68 15.63
CA CYS B 236 10.46 -3.21 15.23
C CYS B 236 10.09 -4.45 16.03
N GLU B 237 8.88 -4.93 15.80
CA GLU B 237 8.34 -6.04 16.57
C GLU B 237 8.41 -7.37 15.83
N PHE B 238 9.47 -7.56 15.04
CA PHE B 238 9.63 -8.83 14.32
C PHE B 238 10.03 -9.93 15.29
N ALA B 239 10.95 -9.60 16.21
CA ALA B 239 11.35 -10.54 17.25
C ALA B 239 10.13 -11.04 18.03
N LEU B 240 9.27 -10.10 18.44
CA LEU B 240 8.07 -10.46 19.19
C LEU B 240 7.21 -11.45 18.41
N LEU B 241 7.01 -11.17 17.13
CA LEU B 241 6.18 -12.02 16.29
C LEU B 241 6.79 -13.40 16.14
N ARG B 242 8.09 -13.45 15.93
CA ARG B 242 8.80 -14.73 15.77
C ARG B 242 8.63 -15.60 17.01
N ASP B 243 9.02 -15.06 18.17
CA ASP B 243 8.89 -15.79 19.43
C ASP B 243 7.47 -16.28 19.64
N PHE B 244 6.50 -15.41 19.39
CA PHE B 244 5.11 -15.74 19.61
C PHE B 244 4.68 -16.95 18.77
N VAL B 245 5.03 -16.94 17.49
CA VAL B 245 4.60 -17.97 16.56
C VAL B 245 5.53 -19.18 16.53
N ILE B 246 6.73 -19.03 17.08
CA ILE B 246 7.72 -20.09 17.02
C ILE B 246 7.97 -20.81 18.36
N ARG B 247 7.94 -20.06 19.45
CA ARG B 247 8.19 -20.67 20.76
C ARG B 247 6.95 -20.74 21.64
N THR B 248 6.50 -19.59 22.12
CA THR B 248 5.42 -19.52 23.10
C THR B 248 4.13 -20.23 22.66
N HIS B 249 3.57 -19.81 21.53
CA HIS B 249 2.23 -20.27 21.14
C HIS B 249 2.20 -21.27 19.99
N LEU B 250 3.37 -21.68 19.52
CA LEU B 250 3.43 -22.67 18.45
C LEU B 250 2.46 -23.84 18.73
N GLN B 251 2.57 -24.44 19.91
CA GLN B 251 1.73 -25.56 20.28
C GLN B 251 0.25 -25.18 20.37
N ASP B 252 -0.05 -24.12 21.11
CA ASP B 252 -1.42 -23.64 21.26
C ASP B 252 -2.09 -23.47 19.89
N LEU B 253 -1.37 -22.85 18.96
CA LEU B 253 -1.86 -22.69 17.59
C LEU B 253 -2.25 -24.04 16.98
N LYS B 254 -1.35 -25.02 17.09
CA LYS B 254 -1.61 -26.35 16.57
C LYS B 254 -2.83 -27.00 17.21
N GLU B 255 -2.88 -26.99 18.53
CA GLU B 255 -3.99 -27.60 19.25
C GLU B 255 -5.35 -27.05 18.84
N VAL B 256 -5.47 -25.74 18.79
CA VAL B 256 -6.73 -25.11 18.39
C VAL B 256 -7.06 -25.47 16.96
N THR B 257 -6.05 -25.48 16.11
CA THR B 257 -6.21 -25.87 14.71
C THR B 257 -6.85 -27.26 14.63
N HIS B 258 -6.25 -28.21 15.33
CA HIS B 258 -6.69 -29.60 15.31
C HIS B 258 -8.05 -29.80 15.99
N ASN B 259 -8.15 -29.31 17.23
CA ASN B 259 -9.30 -29.58 18.08
C ASN B 259 -10.57 -28.83 17.70
N ILE B 260 -10.42 -27.64 17.13
CA ILE B 260 -11.56 -26.81 16.83
C ILE B 260 -11.79 -26.63 15.33
N HIS B 261 -10.85 -26.01 14.64
CA HIS B 261 -11.01 -25.74 13.21
C HIS B 261 -11.22 -27.04 12.43
N TYR B 262 -10.23 -27.92 12.48
CA TYR B 262 -10.31 -29.21 11.79
C TYR B 262 -11.55 -29.97 12.21
N GLU B 263 -11.76 -30.09 13.51
CA GLU B 263 -12.91 -30.84 14.01
C GLU B 263 -14.21 -30.28 13.44
N THR B 264 -14.32 -28.96 13.37
CA THR B 264 -15.54 -28.33 12.85
C THR B 264 -15.77 -28.73 11.39
N TYR B 265 -14.70 -28.73 10.61
CA TYR B 265 -14.76 -29.15 9.21
C TYR B 265 -15.19 -30.60 9.10
N ARG B 266 -14.57 -31.46 9.91
CA ARG B 266 -14.85 -32.89 9.88
C ARG B 266 -16.31 -33.14 10.26
N ALA B 267 -16.79 -32.41 11.26
CA ALA B 267 -18.19 -32.47 11.65
C ALA B 267 -19.12 -32.11 10.49
N LYS B 268 -18.85 -30.98 9.84
CA LYS B 268 -19.64 -30.55 8.70
C LYS B 268 -19.61 -31.59 7.58
N ARG B 269 -18.45 -32.17 7.35
CA ARG B 269 -18.29 -33.23 6.36
C ARG B 269 -19.19 -34.43 6.69
N LEU B 270 -19.28 -34.74 7.97
CA LEU B 270 -20.05 -35.90 8.43
C LEU B 270 -19.52 -37.20 7.82
MG MG C . -7.24 11.82 1.27
PB GDP D . -4.28 9.91 1.36
O1B GDP D . -4.52 8.43 1.51
O2B GDP D . -4.11 10.24 -0.09
O3B GDP D . -5.45 10.67 1.92
O3A GDP D . -2.94 10.31 2.17
PA GDP D . -3.04 11.06 3.59
O1A GDP D . -4.45 11.50 3.86
O2A GDP D . -2.09 12.23 3.66
O5' GDP D . -2.60 9.92 4.64
C5' GDP D . -1.64 8.93 4.28
C4' GDP D . -0.83 8.54 5.50
O4' GDP D . 0.50 8.21 5.12
C3' GDP D . -0.75 9.68 6.51
O3' GDP D . -1.35 9.29 7.75
C2' GDP D . 0.72 9.97 6.70
O2' GDP D . 1.07 9.82 8.08
C1' GDP D . 1.47 8.96 5.86
N9 GDP D . 2.39 9.66 4.92
C8 GDP D . 2.15 10.83 4.31
N7 GDP D . 3.19 11.19 3.52
C5 GDP D . 4.13 10.24 3.63
C6 GDP D . 5.48 10.01 3.07
O6 GDP D . 6.00 10.83 2.28
N1 GDP D . 6.13 8.90 3.44
C2 GDP D . 5.60 8.01 4.29
N2 GDP D . 6.33 6.91 4.61
N3 GDP D . 4.36 8.15 4.85
C4 GDP D . 3.59 9.23 4.56
MG MG E . 4.83 -12.48 -2.97
PB GDP F . 5.08 -9.19 -1.49
O1B GDP F . 5.47 -10.51 -2.07
O2B GDP F . 4.55 -8.29 -2.57
O3B GDP F . 4.01 -9.39 -0.44
O3A GDP F . 6.37 -8.49 -0.80
PA GDP F . 7.83 -8.73 -1.42
O1A GDP F . 7.79 -9.78 -2.50
O2A GDP F . 8.81 -9.11 -0.34
O5' GDP F . 8.21 -7.29 -2.05
C5' GDP F . 7.78 -6.09 -1.42
C4' GDP F . 8.80 -4.99 -1.64
O4' GDP F . 8.80 -4.10 -0.53
C3' GDP F . 10.20 -5.57 -1.77
O3' GDP F . 10.77 -5.21 -3.04
C2' GDP F . 11.02 -4.97 -0.65
O2' GDP F . 12.14 -4.26 -1.19
C1' GDP F . 10.09 -4.00 0.07
N9 GDP F . 10.01 -4.38 1.51
C8 GDP F . 9.99 -5.63 2.00
N7 GDP F . 9.90 -5.62 3.35
C5 GDP F . 9.85 -4.34 3.75
C6 GDP F . 9.76 -3.62 5.05
O6 GDP F . 9.69 -4.26 6.12
N1 GDP F . 9.75 -2.29 5.02
C2 GDP F . 9.81 -1.59 3.88
N2 GDP F . 9.79 -0.23 3.94
N3 GDP F . 9.90 -2.18 2.65
C4 GDP F . 9.92 -3.52 2.53
#